data_7Q94
#
_entry.id   7Q94
#
_cell.length_a   104.269
_cell.length_b   104.269
_cell.length_c   152.149
_cell.angle_alpha   90.000
_cell.angle_beta   90.000
_cell.angle_gamma   120.000
#
_symmetry.space_group_name_H-M   'P 65'
#
loop_
_entity.id
_entity.type
_entity.pdbx_description
1 polymer 'NADQ transcription factor'
2 polymer 'DNA binding region (31-MER)'
3 polymer 'DNA binding region (31-MER)'
#
loop_
_entity_poly.entity_id
_entity_poly.type
_entity_poly.pdbx_seq_one_letter_code
_entity_poly.pdbx_strand_id
1 'polypeptide(L)'
;MRGSHHHHHHGMASMTGGQQMGRDLYDDDDKDHPFTVTIGLAHAELIAVVTAITTDEPRVMTVREGAALPSGPFEFGHRT
LQSGLREWIHEQTHHPVGYLEQLYTFADRDRNNEILGGRTISIGYLGLVREQEAPSGKSAFWHGWYEYFPWEDHRQGRPD
ILDSIIDKLRAWADSEPDSRAQRHLRADFTFGLDGGGWNEELTLQRYELLYEAGLVGEAQSEPRINFGRPMFADHRRILA
TGIARLRAKIKYRPVVFELMADSFTLLQLQRAIEALAGLTLHKQNFRRLIEQQQLVEETGDMATETGGRPAKLFRFRQTV
LDERALSGTKLPLSRN
;
A,B
2 'polydeoxyribonucleotide'
;(DT)(DT)(DG)(DA)(DC)(DA)(DT)(DA)(DT)(DG)(DC)(DT)(DC)(DA)(DC)(DA)(DA)(DT)(DG)(DA)
(DG)(DA)(DA)(DT)(DA)(DT)(DG)(DT)(DC)(DT)(DT)(DC)
;
C
3 'polydeoxyribonucleotide'
;(DA)(DA)(DG)(DA)(DC)(DA)(DT)(DA)(DT)(DT)(DC)(DT)(DC)(DA)(DT)(DT)(DG)(DT)(DG)(DA)
(DG)(DC)(DA)(DT)(DA)(DT)(DG)(DT)(DC)(DA)(DA)(DG)
;
D
#
loop_
_chem_comp.id
_chem_comp.type
_chem_comp.name
_chem_comp.formula
DA DNA linking 2'-DEOXYADENOSINE-5'-MONOPHOSPHATE 'C10 H14 N5 O6 P'
DC DNA linking 2'-DEOXYCYTIDINE-5'-MONOPHOSPHATE 'C9 H14 N3 O7 P'
DG DNA linking 2'-DEOXYGUANOSINE-5'-MONOPHOSPHATE 'C10 H14 N5 O7 P'
DT DNA linking THYMIDINE-5'-MONOPHOSPHATE 'C10 H15 N2 O8 P'
#
# COMPACT_ATOMS: atom_id res chain seq x y z
N GLU A 45 7.22 -12.53 14.36
CA GLU A 45 6.27 -11.92 15.28
C GLU A 45 5.10 -11.30 14.54
N LEU A 46 3.92 -11.37 15.14
CA LEU A 46 2.70 -10.77 14.59
C LEU A 46 2.26 -9.68 15.55
N ILE A 47 2.49 -8.42 15.18
CA ILE A 47 2.12 -7.26 16.00
C ILE A 47 0.80 -6.72 15.49
N ALA A 48 -0.12 -6.45 16.42
CA ALA A 48 -1.46 -5.98 16.08
C ALA A 48 -1.57 -4.48 16.33
N VAL A 49 -2.16 -3.77 15.37
CA VAL A 49 -2.41 -2.34 15.50
C VAL A 49 -3.92 -2.16 15.39
N VAL A 50 -4.60 -2.30 16.53
CA VAL A 50 -6.05 -2.16 16.60
C VAL A 50 -6.38 -0.77 17.12
N THR A 51 -7.30 -0.09 16.45
CA THR A 51 -7.62 1.31 16.73
C THR A 51 -9.10 1.47 17.04
N ALA A 52 -9.40 2.26 18.06
CA ALA A 52 -10.76 2.67 18.39
C ALA A 52 -10.78 4.16 18.68
N ILE A 53 -11.96 4.76 18.56
CA ILE A 53 -12.16 6.18 18.78
C ILE A 53 -13.11 6.36 19.96
N THR A 54 -12.67 7.09 20.97
CA THR A 54 -13.47 7.36 22.16
C THR A 54 -13.25 8.80 22.60
N THR A 55 -14.36 9.53 22.75
CA THR A 55 -14.34 10.94 23.18
C THR A 55 -13.44 11.77 22.27
N ASP A 56 -13.55 11.53 20.96
CA ASP A 56 -12.77 12.23 19.94
C ASP A 56 -11.27 12.10 20.21
N GLU A 57 -10.82 10.86 20.38
CA GLU A 57 -9.42 10.58 20.66
C GLU A 57 -9.04 9.23 20.09
N PRO A 58 -8.21 9.18 19.04
CA PRO A 58 -7.81 7.89 18.47
C PRO A 58 -6.89 7.11 19.38
N ARG A 59 -7.38 6.02 19.94
CA ARG A 59 -6.61 5.17 20.85
C ARG A 59 -6.18 3.90 20.14
N VAL A 60 -5.18 3.24 20.72
CA VAL A 60 -4.64 2.00 20.18
C VAL A 60 -4.56 0.97 21.30
N MET A 61 -4.80 -0.29 20.94
CA MET A 61 -4.74 -1.37 21.91
C MET A 61 -3.29 -1.64 22.30
N THR A 62 -3.03 -1.71 23.61
CA THR A 62 -1.69 -1.90 24.14
C THR A 62 -1.68 -2.97 25.21
N VAL A 63 -0.49 -3.48 25.50
CA VAL A 63 -0.25 -4.42 26.58
C VAL A 63 1.05 -4.02 27.27
N ARG A 64 1.37 -4.73 28.36
CA ARG A 64 2.57 -4.47 29.14
C ARG A 64 2.64 -3.01 29.59
N GLU A 65 1.50 -2.52 30.09
CA GLU A 65 1.39 -1.15 30.59
C GLU A 65 1.72 -0.13 29.51
N GLY A 66 1.18 -0.36 28.31
CA GLY A 66 1.28 0.60 27.23
C GLY A 66 2.67 0.72 26.66
N ALA A 67 3.55 -0.20 27.03
CA ALA A 67 4.92 -0.20 26.56
C ALA A 67 5.12 -1.05 25.31
N ALA A 68 4.10 -1.80 24.88
CA ALA A 68 4.20 -2.65 23.70
C ALA A 68 2.82 -2.98 23.20
N LEU A 69 2.71 -3.12 21.87
CA LEU A 69 1.47 -3.55 21.25
C LEU A 69 1.27 -5.04 21.45
N PRO A 70 0.02 -5.52 21.40
CA PRO A 70 -0.23 -6.97 21.51
C PRO A 70 0.44 -7.75 20.39
N SER A 71 1.49 -8.50 20.74
CA SER A 71 2.27 -9.25 19.77
C SER A 71 2.39 -10.70 20.21
N GLY A 72 2.57 -11.59 19.23
CA GLY A 72 2.73 -13.00 19.49
C GLY A 72 3.46 -13.70 18.38
N PRO A 73 4.26 -14.71 18.72
CA PRO A 73 5.02 -15.44 17.70
C PRO A 73 4.10 -16.25 16.80
N PHE A 74 4.67 -16.71 15.69
CA PHE A 74 3.93 -17.39 14.63
C PHE A 74 4.24 -18.88 14.76
N GLU A 75 3.27 -19.66 15.21
CA GLU A 75 3.47 -21.04 15.59
C GLU A 75 3.10 -22.00 14.45
N PHE A 76 3.43 -23.28 14.66
CA PHE A 76 3.10 -24.31 13.68
C PHE A 76 1.59 -24.54 13.60
N GLY A 77 0.87 -24.39 14.71
CA GLY A 77 -0.55 -24.65 14.71
C GLY A 77 -1.36 -23.59 13.98
N HIS A 78 -0.83 -22.37 13.90
CA HIS A 78 -1.54 -21.29 13.22
C HIS A 78 -1.59 -21.56 11.72
N ARG A 79 -2.77 -21.43 11.13
CA ARG A 79 -2.93 -21.73 9.72
C ARG A 79 -2.60 -20.52 8.86
N THR A 80 -3.34 -19.43 9.03
CA THR A 80 -3.10 -18.19 8.30
C THR A 80 -2.49 -17.15 9.22
N LEU A 81 -1.90 -16.13 8.60
CA LEU A 81 -1.29 -15.05 9.37
C LEU A 81 -2.34 -14.26 10.15
N GLN A 82 -3.58 -14.21 9.64
CA GLN A 82 -4.63 -13.47 10.33
C GLN A 82 -5.23 -14.28 11.48
N SER A 83 -5.46 -15.57 11.26
CA SER A 83 -6.04 -16.40 12.32
C SER A 83 -5.07 -16.59 13.48
N GLY A 84 -3.76 -16.61 13.20
CA GLY A 84 -2.79 -16.74 14.27
C GLY A 84 -2.74 -15.51 15.16
N LEU A 85 -2.84 -14.33 14.56
CA LEU A 85 -2.86 -13.10 15.35
C LEU A 85 -4.16 -12.96 16.13
N ARG A 86 -5.26 -13.49 15.60
CA ARG A 86 -6.53 -13.46 16.34
C ARG A 86 -6.45 -14.26 17.62
N GLU A 87 -5.58 -15.27 17.66
CA GLU A 87 -5.41 -16.05 18.90
C GLU A 87 -4.63 -15.28 19.94
N TRP A 88 -3.57 -14.57 19.53
CA TRP A 88 -2.77 -13.81 20.49
C TRP A 88 -3.52 -12.59 21.01
N ILE A 89 -4.41 -12.02 20.20
CA ILE A 89 -5.22 -10.91 20.67
C ILE A 89 -6.27 -11.39 21.66
N HIS A 90 -6.81 -12.60 21.43
CA HIS A 90 -7.88 -13.11 22.28
C HIS A 90 -7.39 -13.43 23.69
N GLU A 91 -6.14 -13.86 23.83
CA GLU A 91 -5.59 -14.25 25.13
C GLU A 91 -4.71 -13.17 25.74
N GLN A 92 -4.67 -11.97 25.15
CA GLN A 92 -3.95 -10.85 25.73
C GLN A 92 -4.80 -9.61 25.93
N THR A 93 -5.91 -9.48 25.21
CA THR A 93 -6.80 -8.34 25.38
C THR A 93 -8.24 -8.80 25.63
N HIS A 94 -8.57 -10.00 25.15
CA HIS A 94 -9.92 -10.56 25.26
C HIS A 94 -10.97 -9.65 24.62
N HIS A 95 -10.56 -8.89 23.61
CA HIS A 95 -11.41 -7.92 22.93
C HIS A 95 -11.88 -8.45 21.59
N PRO A 96 -13.15 -8.22 21.25
CA PRO A 96 -13.62 -8.62 19.92
C PRO A 96 -12.86 -7.88 18.82
N VAL A 97 -12.55 -8.61 17.75
CA VAL A 97 -11.69 -8.12 16.67
C VAL A 97 -12.51 -8.05 15.39
N GLY A 98 -12.44 -6.92 14.70
CA GLY A 98 -13.08 -6.77 13.41
C GLY A 98 -12.24 -7.35 12.30
N TYR A 99 -12.49 -6.88 11.08
CA TYR A 99 -11.75 -7.35 9.93
C TYR A 99 -10.34 -6.76 9.93
N LEU A 100 -9.37 -7.58 9.51
CA LEU A 100 -7.97 -7.19 9.51
C LEU A 100 -7.43 -7.15 8.09
N GLU A 101 -6.41 -6.31 7.90
CA GLU A 101 -5.69 -6.24 6.63
C GLU A 101 -4.23 -5.95 6.93
N GLN A 102 -3.35 -6.47 6.07
CA GLN A 102 -1.92 -6.37 6.32
C GLN A 102 -1.44 -4.93 6.20
N LEU A 103 -0.36 -4.63 6.93
CA LEU A 103 0.22 -3.29 6.98
C LEU A 103 1.58 -3.27 6.31
N TYR A 104 2.61 -3.83 6.95
CA TYR A 104 3.96 -3.82 6.43
C TYR A 104 4.76 -4.91 7.12
N THR A 105 5.89 -5.26 6.53
CA THR A 105 6.81 -6.24 7.09
C THR A 105 8.17 -5.59 7.30
N PHE A 106 8.61 -5.53 8.56
CA PHE A 106 9.85 -4.88 8.92
C PHE A 106 10.84 -5.89 9.50
N ALA A 107 12.12 -5.60 9.33
CA ALA A 107 13.19 -6.35 9.96
C ALA A 107 13.69 -5.60 11.19
N ASP A 108 14.15 -6.35 12.18
CA ASP A 108 14.58 -5.72 13.43
C ASP A 108 15.83 -4.88 13.24
N ARG A 109 15.88 -3.76 13.95
CA ARG A 109 17.07 -2.91 13.95
C ARG A 109 17.75 -2.98 15.30
N ASP A 110 18.11 -4.18 15.73
CA ASP A 110 18.67 -4.41 17.06
C ASP A 110 20.17 -4.16 17.03
N ARG A 111 20.62 -3.13 17.73
CA ARG A 111 22.05 -2.90 17.91
C ARG A 111 22.67 -3.84 18.93
N ASN A 112 21.86 -4.37 19.86
CA ASN A 112 22.38 -5.32 20.84
C ASN A 112 22.74 -6.65 20.18
N ASN A 113 21.77 -7.25 19.50
CA ASN A 113 21.98 -8.52 18.81
C ASN A 113 20.90 -8.76 17.75
N GLY A 118 20.01 -14.03 16.80
CA GLY A 118 18.83 -14.26 15.98
C GLY A 118 18.10 -13.00 15.61
N ARG A 119 17.75 -12.87 14.33
CA ARG A 119 17.03 -11.70 13.86
C ARG A 119 15.53 -11.86 14.11
N THR A 120 14.80 -10.76 13.92
CA THR A 120 13.37 -10.72 14.19
C THR A 120 12.65 -10.13 13.00
N ILE A 121 11.56 -10.77 12.59
CA ILE A 121 10.72 -10.29 11.50
C ILE A 121 9.34 -9.98 12.08
N SER A 122 8.84 -8.77 11.81
CA SER A 122 7.56 -8.32 12.32
C SER A 122 6.63 -8.03 11.15
N ILE A 123 5.42 -8.58 11.23
CA ILE A 123 4.38 -8.36 10.22
C ILE A 123 3.18 -7.74 10.93
N GLY A 124 2.89 -6.48 10.61
CA GLY A 124 1.81 -5.76 11.27
C GLY A 124 0.49 -5.87 10.55
N TYR A 125 -0.58 -5.69 11.33
CA TYR A 125 -1.94 -5.73 10.81
C TYR A 125 -2.75 -4.61 11.44
N LEU A 126 -3.63 -4.00 10.65
CA LEU A 126 -4.45 -2.89 11.09
C LEU A 126 -5.87 -3.37 11.35
N GLY A 127 -6.43 -2.94 12.46
CA GLY A 127 -7.79 -3.30 12.83
C GLY A 127 -8.56 -2.12 13.39
N LEU A 128 -9.82 -2.01 13.00
CA LEU A 128 -10.69 -0.94 13.43
C LEU A 128 -11.87 -1.56 14.17
N VAL A 129 -12.03 -1.19 15.44
CA VAL A 129 -13.11 -1.67 16.29
C VAL A 129 -13.64 -0.50 17.10
N ARG A 130 -14.66 -0.77 17.91
CA ARG A 130 -15.19 0.18 18.88
C ARG A 130 -14.68 -0.18 20.27
N GLU A 131 -14.27 0.82 21.03
CA GLU A 131 -13.75 0.59 22.37
C GLU A 131 -14.87 0.26 23.35
N PHE A 141 -6.12 -2.47 27.12
CA PHE A 141 -5.53 -1.26 27.67
C PHE A 141 -5.26 -0.25 26.56
N TRP A 142 -6.14 0.74 26.44
CA TRP A 142 -6.12 1.67 25.33
C TRP A 142 -5.30 2.91 25.69
N HIS A 143 -4.31 3.21 24.85
CA HIS A 143 -3.55 4.46 24.94
C HIS A 143 -3.75 5.25 23.65
N GLY A 144 -3.81 6.56 23.78
CA GLY A 144 -4.08 7.40 22.63
C GLY A 144 -2.96 7.34 21.60
N TRP A 145 -3.33 7.70 20.36
CA TRP A 145 -2.35 7.77 19.29
C TRP A 145 -1.26 8.80 19.59
N TYR A 146 -1.64 9.90 20.24
CA TYR A 146 -0.77 11.05 20.42
C TYR A 146 0.03 11.00 21.71
N GLU A 147 -0.12 9.95 22.52
CA GLU A 147 0.81 9.74 23.63
C GLU A 147 2.18 9.33 23.12
N TYR A 148 2.22 8.59 22.01
CA TYR A 148 3.47 8.20 21.37
C TYR A 148 3.83 9.12 20.20
N PHE A 149 2.85 9.81 19.61
CA PHE A 149 3.08 10.74 18.51
C PHE A 149 2.34 12.04 18.79
N PRO A 150 2.83 12.85 19.73
CA PRO A 150 2.15 14.12 20.03
C PRO A 150 2.25 15.14 18.90
N TRP A 151 3.24 15.02 18.02
CA TRP A 151 3.45 15.97 16.94
C TRP A 151 2.55 15.70 15.73
N GLU A 152 1.63 14.74 15.83
CA GLU A 152 0.77 14.37 14.72
C GLU A 152 -0.65 14.88 14.86
N ASP A 153 -0.98 15.53 15.97
CA ASP A 153 -2.33 16.06 16.20
C ASP A 153 -2.27 17.57 15.95
N HIS A 154 -2.75 18.00 14.78
CA HIS A 154 -2.84 19.41 14.43
C HIS A 154 -4.27 19.92 14.41
N ARG A 155 -5.18 19.25 15.16
CA ARG A 155 -6.54 19.74 15.27
C ARG A 155 -6.57 21.13 15.88
N GLN A 156 -5.89 21.30 17.02
CA GLN A 156 -5.72 22.62 17.62
C GLN A 156 -4.41 23.23 17.13
N GLY A 157 -4.41 23.59 15.85
CA GLY A 157 -3.28 24.27 15.23
C GLY A 157 -1.97 23.50 15.31
N ARG A 158 -0.86 24.18 15.09
CA ARG A 158 0.45 23.52 15.17
C ARG A 158 0.81 23.27 16.63
N PRO A 159 1.22 22.06 17.00
CA PRO A 159 1.59 21.80 18.39
C PRO A 159 2.88 22.51 18.76
N ASP A 160 3.13 22.56 20.06
CA ASP A 160 4.30 23.25 20.60
C ASP A 160 5.54 22.36 20.66
N ILE A 161 5.38 21.05 20.65
CA ILE A 161 6.53 20.15 20.70
C ILE A 161 7.28 20.14 19.38
N LEU A 162 6.65 20.59 18.30
CA LEU A 162 7.32 20.61 17.00
C LEU A 162 8.51 21.58 16.97
N ASP A 163 8.41 22.68 17.71
CA ASP A 163 9.50 23.64 17.74
C ASP A 163 10.76 23.04 18.37
N SER A 164 10.60 22.26 19.44
CA SER A 164 11.73 21.57 20.04
C SER A 164 12.28 20.47 19.14
N ILE A 165 11.47 19.98 18.19
CA ILE A 165 11.94 18.95 17.27
C ILE A 165 12.69 19.57 16.10
N ILE A 166 12.18 20.69 15.57
CA ILE A 166 12.83 21.33 14.43
C ILE A 166 14.22 21.85 14.82
N ASP A 167 14.35 22.40 16.03
CA ASP A 167 15.66 22.86 16.49
C ASP A 167 16.64 21.70 16.63
N LYS A 168 16.17 20.58 17.18
CA LYS A 168 17.00 19.39 17.24
C LYS A 168 17.22 18.77 15.86
N LEU A 169 16.31 19.03 14.92
CA LEU A 169 16.49 18.54 13.55
C LEU A 169 17.37 19.48 12.73
N ARG A 170 17.34 20.78 13.03
CA ARG A 170 18.18 21.73 12.29
C ARG A 170 19.64 21.56 12.65
N ALA A 171 19.94 21.32 13.93
CA ALA A 171 21.33 21.10 14.33
C ALA A 171 21.87 19.79 13.79
N TRP A 172 21.02 18.76 13.73
CA TRP A 172 21.46 17.49 13.15
C TRP A 172 21.76 17.63 11.66
N ALA A 173 21.06 18.53 10.97
CA ALA A 173 21.36 18.79 9.57
C ALA A 173 22.58 19.69 9.43
N ASP A 174 22.73 20.67 10.32
CA ASP A 174 23.86 21.59 10.29
C ASP A 174 25.13 20.99 10.88
N SER A 175 25.08 19.74 11.35
CA SER A 175 26.27 19.14 11.93
C SER A 175 27.31 18.79 10.87
N GLU A 176 26.85 18.31 9.71
CA GLU A 176 27.73 17.97 8.60
C GLU A 176 27.45 18.88 7.43
N PRO A 177 28.36 19.79 7.06
CA PRO A 177 28.11 20.69 5.93
C PRO A 177 27.74 19.99 4.63
N ASP A 178 28.34 18.83 4.36
CA ASP A 178 28.02 18.11 3.13
C ASP A 178 26.58 17.58 3.16
N SER A 179 26.18 16.99 4.29
CA SER A 179 24.81 16.52 4.45
C SER A 179 23.83 17.64 4.77
N ARG A 180 24.31 18.87 4.93
CA ARG A 180 23.44 19.98 5.31
C ARG A 180 22.43 20.28 4.20
N ALA A 181 22.93 20.53 2.98
CA ALA A 181 22.04 20.76 1.84
C ALA A 181 21.13 19.56 1.57
N GLN A 182 21.54 18.36 1.98
CA GLN A 182 20.70 17.19 1.81
C GLN A 182 19.66 17.07 2.92
N ARG A 183 20.12 17.00 4.17
CA ARG A 183 19.21 16.76 5.29
C ARG A 183 18.18 17.86 5.47
N HIS A 184 18.41 19.04 4.89
CA HIS A 184 17.38 20.07 4.89
C HIS A 184 16.22 19.73 3.96
N LEU A 185 16.42 18.78 3.05
CA LEU A 185 15.33 18.37 2.17
C LEU A 185 14.42 17.34 2.84
N ARG A 186 15.01 16.40 3.60
CA ARG A 186 14.19 15.45 4.33
C ARG A 186 13.42 16.12 5.45
N ALA A 187 13.94 17.21 6.00
CA ALA A 187 13.26 17.97 7.03
C ALA A 187 12.22 18.92 6.48
N ASP A 188 12.19 19.13 5.17
CA ASP A 188 11.18 19.97 4.53
C ASP A 188 10.04 19.16 3.90
N PHE A 189 10.33 17.95 3.43
CA PHE A 189 9.28 17.11 2.86
C PHE A 189 8.43 16.46 3.95
N THR A 190 9.07 15.93 4.99
CA THR A 190 8.34 15.33 6.10
C THR A 190 7.80 16.42 7.03
N PHE A 191 8.70 17.12 7.74
CA PHE A 191 8.31 18.23 8.58
C PHE A 191 8.37 19.54 7.81
N GLY A 192 8.62 20.65 8.48
CA GLY A 192 8.64 21.94 7.82
C GLY A 192 9.78 22.84 8.26
N LEU A 193 11.02 22.40 8.02
CA LEU A 193 12.18 23.20 8.40
C LEU A 193 12.42 24.32 7.39
N ASP A 194 12.43 23.99 6.10
CA ASP A 194 12.65 24.95 5.04
C ASP A 194 11.36 25.39 4.36
N GLY A 195 10.24 25.32 5.08
CA GLY A 195 8.96 25.71 4.52
C GLY A 195 8.07 24.53 4.19
N GLY A 196 7.41 24.58 3.05
CA GLY A 196 6.54 23.50 2.64
C GLY A 196 5.23 23.49 3.42
N GLY A 197 4.48 22.40 3.23
CA GLY A 197 3.22 22.20 3.88
C GLY A 197 3.22 20.93 4.73
N TRP A 198 2.18 20.82 5.56
CA TRP A 198 2.02 19.66 6.44
C TRP A 198 1.17 18.61 5.74
N ASN A 199 1.81 17.52 5.32
CA ASN A 199 1.11 16.39 4.71
C ASN A 199 0.95 15.32 5.76
N GLU A 200 -0.29 15.10 6.20
CA GLU A 200 -0.57 14.12 7.25
C GLU A 200 -0.34 12.69 6.81
N GLU A 201 -0.16 12.43 5.51
CA GLU A 201 0.09 11.08 5.01
C GLU A 201 1.51 10.60 5.29
N LEU A 202 2.44 11.52 5.54
CA LEU A 202 3.85 11.17 5.70
C LEU A 202 4.20 10.87 7.16
N THR A 203 3.40 10.00 7.79
CA THR A 203 3.63 9.68 9.19
C THR A 203 4.81 8.72 9.37
N LEU A 204 4.89 7.69 8.54
CA LEU A 204 5.97 6.71 8.68
C LEU A 204 7.31 7.33 8.31
N GLN A 205 7.35 8.16 7.26
CA GLN A 205 8.61 8.79 6.86
C GLN A 205 9.09 9.78 7.92
N ARG A 206 8.18 10.31 8.73
CA ARG A 206 8.59 11.23 9.79
C ARG A 206 9.30 10.50 10.92
N TYR A 207 8.81 9.32 11.29
CA TYR A 207 9.42 8.59 12.39
C TYR A 207 10.79 8.04 12.00
N GLU A 208 10.95 7.63 10.74
CA GLU A 208 12.25 7.11 10.30
C GLU A 208 13.31 8.19 10.28
N LEU A 209 12.91 9.45 10.11
CA LEU A 209 13.86 10.56 10.18
C LEU A 209 14.28 10.84 11.62
N LEU A 210 13.36 10.75 12.56
CA LEU A 210 13.70 10.95 13.97
C LEU A 210 14.54 9.79 14.50
N TYR A 211 14.25 8.56 14.04
CA TYR A 211 15.08 7.42 14.40
C TYR A 211 16.48 7.56 13.82
N GLU A 212 16.61 8.16 12.63
CA GLU A 212 17.91 8.36 12.02
C GLU A 212 18.67 9.51 12.66
N ALA A 213 17.97 10.50 13.20
CA ALA A 213 18.59 11.66 13.84
C ALA A 213 18.83 11.45 15.33
N GLY A 214 18.49 10.29 15.88
CA GLY A 214 18.69 10.05 17.29
C GLY A 214 17.82 10.88 18.20
N LEU A 215 16.65 11.30 17.72
CA LEU A 215 15.74 12.13 18.50
C LEU A 215 14.60 11.32 19.13
N VAL A 216 14.78 10.01 19.26
CA VAL A 216 13.81 9.14 19.92
C VAL A 216 14.57 8.21 20.86
N GLY A 217 13.83 7.69 21.85
CA GLY A 217 14.44 6.79 22.82
C GLY A 217 14.87 5.46 22.25
N GLU A 218 14.28 5.03 21.15
CA GLU A 218 14.62 3.75 20.54
C GLU A 218 15.91 3.81 19.73
N ALA A 219 16.47 4.99 19.51
CA ALA A 219 17.70 5.13 18.74
C ALA A 219 18.96 4.92 19.56
N GLN A 220 18.88 5.09 20.88
CA GLN A 220 20.01 4.91 21.79
C GLN A 220 21.18 5.81 21.42
N SER A 221 20.91 7.11 21.39
CA SER A 221 21.95 8.09 21.18
C SER A 221 22.67 8.40 22.49
N GLU A 222 23.88 8.95 22.38
CA GLU A 222 24.62 9.28 23.60
C GLU A 222 24.01 10.50 24.30
N PRO A 223 23.24 11.38 23.61
CA PRO A 223 22.31 12.24 24.36
C PRO A 223 20.90 11.67 24.30
N ARG A 224 20.33 11.33 25.46
CA ARG A 224 19.01 10.70 25.51
C ARG A 224 17.95 11.75 25.19
N ILE A 225 17.84 12.06 23.91
CA ILE A 225 16.82 12.98 23.39
C ILE A 225 15.65 12.14 22.88
N ASN A 226 14.49 12.31 23.50
CA ASN A 226 13.32 11.50 23.16
C ASN A 226 12.08 12.38 23.15
N PHE A 227 11.28 12.27 22.09
CA PHE A 227 10.00 12.94 21.97
C PHE A 227 8.91 11.90 21.83
N GLY A 228 7.87 12.02 22.64
CA GLY A 228 6.81 11.04 22.67
C GLY A 228 7.17 9.82 23.49
N ARG A 229 6.14 9.10 23.91
CA ARG A 229 6.35 7.93 24.76
C ARG A 229 6.96 6.79 23.93
N PRO A 230 8.05 6.19 24.38
CA PRO A 230 8.66 5.10 23.62
C PRO A 230 7.94 3.77 23.86
N MET A 231 8.30 2.79 23.04
CA MET A 231 7.76 1.44 23.13
C MET A 231 8.90 0.43 23.02
N PHE A 232 8.60 -0.81 23.37
CA PHE A 232 9.59 -1.88 23.29
C PHE A 232 9.92 -2.18 21.83
N ALA A 233 11.21 -2.34 21.55
CA ALA A 233 11.70 -2.59 20.20
C ALA A 233 11.23 -1.50 19.24
N ASP A 234 10.76 -1.92 18.06
CA ASP A 234 10.23 -0.99 17.06
C ASP A 234 8.71 -0.99 17.04
N HIS A 235 8.08 -1.07 18.21
CA HIS A 235 6.62 -1.10 18.25
C HIS A 235 6.01 0.25 17.90
N ARG A 236 6.72 1.35 18.19
CA ARG A 236 6.26 2.66 17.76
C ARG A 236 6.43 2.82 16.25
N ARG A 237 7.39 2.11 15.66
CA ARG A 237 7.53 2.10 14.20
C ARG A 237 6.34 1.43 13.54
N ILE A 238 5.80 0.39 14.18
CA ILE A 238 4.65 -0.33 13.61
C ILE A 238 3.40 0.54 13.71
N LEU A 239 3.23 1.25 14.82
CA LEU A 239 2.06 2.11 14.99
C LEU A 239 2.05 3.25 13.97
N ALA A 240 3.23 3.75 13.61
CA ALA A 240 3.30 4.83 12.62
C ALA A 240 2.85 4.36 11.24
N THR A 241 3.09 3.09 10.92
CA THR A 241 2.66 2.58 9.61
C THR A 241 1.15 2.44 9.54
N GLY A 242 0.52 2.02 10.64
CA GLY A 242 -0.93 1.87 10.64
C GLY A 242 -1.66 3.20 10.57
N ILE A 243 -1.08 4.24 11.15
CA ILE A 243 -1.72 5.55 11.13
C ILE A 243 -1.67 6.15 9.72
N ALA A 244 -0.50 6.08 9.08
CA ALA A 244 -0.37 6.62 7.73
C ALA A 244 -1.23 5.83 6.74
N ARG A 245 -1.34 4.51 6.92
CA ARG A 245 -2.18 3.71 6.04
C ARG A 245 -3.65 4.06 6.22
N LEU A 246 -4.08 4.26 7.47
CA LEU A 246 -5.46 4.65 7.72
C LEU A 246 -5.73 6.07 7.23
N ARG A 247 -4.76 6.97 7.40
CA ARG A 247 -4.93 8.34 6.93
C ARG A 247 -4.99 8.42 5.41
N ALA A 248 -4.30 7.51 4.72
CA ALA A 248 -4.36 7.48 3.27
C ALA A 248 -5.70 6.97 2.76
N LYS A 249 -6.45 6.22 3.58
CA LYS A 249 -7.74 5.70 3.16
C LYS A 249 -8.85 6.71 3.38
N ILE A 250 -8.77 7.52 4.44
CA ILE A 250 -9.86 8.42 4.79
C ILE A 250 -9.82 9.73 4.03
N LYS A 251 -8.71 10.06 3.35
CA LYS A 251 -8.64 11.32 2.64
C LYS A 251 -9.52 11.32 1.40
N TYR A 252 -9.72 10.16 0.77
CA TYR A 252 -10.49 10.07 -0.46
C TYR A 252 -11.75 9.23 -0.32
N ARG A 253 -11.69 8.11 0.40
CA ARG A 253 -12.85 7.23 0.58
C ARG A 253 -12.91 6.81 2.04
N PRO A 254 -13.49 7.65 2.90
CA PRO A 254 -13.57 7.31 4.33
C PRO A 254 -14.61 6.24 4.63
N VAL A 255 -14.20 4.97 4.54
CA VAL A 255 -15.05 3.85 4.91
C VAL A 255 -14.66 3.46 6.33
N VAL A 256 -15.44 3.93 7.31
CA VAL A 256 -15.11 3.72 8.72
C VAL A 256 -16.35 3.31 9.49
N PHE A 257 -17.06 2.29 8.98
CA PHE A 257 -18.24 1.79 9.68
C PHE A 257 -17.87 1.05 10.96
N GLU A 258 -16.62 0.59 11.08
CA GLU A 258 -16.20 -0.16 12.27
C GLU A 258 -15.94 0.78 13.44
N LEU A 259 -15.33 1.94 13.18
CA LEU A 259 -15.05 2.89 14.26
C LEU A 259 -16.32 3.58 14.74
N MET A 260 -17.32 3.71 13.87
CA MET A 260 -18.57 4.36 14.25
C MET A 260 -19.56 3.32 14.77
N ALA A 261 -20.73 3.79 15.20
CA ALA A 261 -21.78 2.92 15.70
C ALA A 261 -22.64 2.44 14.54
N ASP A 262 -23.76 1.79 14.85
CA ASP A 262 -24.70 1.38 13.82
C ASP A 262 -25.38 2.57 13.15
N SER A 263 -25.40 3.72 13.81
CA SER A 263 -25.96 4.93 13.24
C SER A 263 -25.29 6.13 13.91
N PHE A 264 -25.06 7.19 13.15
CA PHE A 264 -24.39 8.38 13.66
C PHE A 264 -24.96 9.59 12.94
N THR A 265 -24.33 10.74 13.17
CA THR A 265 -24.75 12.01 12.57
C THR A 265 -23.63 12.57 11.71
N LEU A 266 -23.85 13.78 11.18
CA LEU A 266 -22.88 14.39 10.30
C LEU A 266 -21.69 14.97 11.06
N LEU A 267 -21.96 15.66 12.18
CA LEU A 267 -20.88 16.25 12.95
C LEU A 267 -20.04 15.18 13.64
N GLN A 268 -20.66 14.07 14.04
CA GLN A 268 -19.91 13.02 14.72
C GLN A 268 -18.91 12.36 13.79
N LEU A 269 -19.26 12.17 12.52
CA LEU A 269 -18.35 11.55 11.57
C LEU A 269 -17.18 12.47 11.25
N GLN A 270 -17.44 13.78 11.13
CA GLN A 270 -16.36 14.73 10.88
C GLN A 270 -15.40 14.79 12.06
N ARG A 271 -15.93 14.79 13.28
CA ARG A 271 -15.07 14.78 14.47
C ARG A 271 -14.21 13.53 14.53
N ALA A 272 -14.73 12.40 14.01
CA ALA A 272 -13.95 11.17 13.99
C ALA A 272 -12.88 11.20 12.91
N ILE A 273 -13.22 11.71 11.72
CA ILE A 273 -12.23 11.81 10.65
C ILE A 273 -11.16 12.83 11.01
N GLU A 274 -11.55 13.94 11.64
CA GLU A 274 -10.57 14.94 12.04
C GLU A 274 -9.65 14.42 13.13
N ALA A 275 -10.14 13.51 13.98
CA ALA A 275 -9.30 12.93 15.02
C ALA A 275 -8.28 11.96 14.43
N LEU A 276 -8.65 11.25 13.36
CA LEU A 276 -7.73 10.31 12.74
C LEU A 276 -6.68 11.05 11.91
N ALA A 277 -7.12 11.91 10.99
CA ALA A 277 -6.18 12.68 10.18
C ALA A 277 -5.46 13.75 10.97
N GLY A 278 -5.89 14.04 12.20
CA GLY A 278 -5.22 15.05 13.00
C GLY A 278 -5.30 16.45 12.45
N LEU A 279 -6.30 16.73 11.61
CA LEU A 279 -6.46 18.05 11.00
C LEU A 279 -7.93 18.43 11.02
N THR A 280 -8.22 19.67 11.41
CA THR A 280 -9.58 20.17 11.36
C THR A 280 -9.99 20.38 9.91
N LEU A 281 -11.04 19.69 9.48
CA LEU A 281 -11.48 19.71 8.10
C LEU A 281 -12.50 20.82 7.86
N HIS A 282 -12.67 21.18 6.60
CA HIS A 282 -13.70 22.14 6.23
C HIS A 282 -15.08 21.52 6.44
N LYS A 283 -15.98 22.29 7.04
CA LYS A 283 -17.29 21.75 7.41
C LYS A 283 -18.12 21.42 6.17
N GLN A 284 -18.28 22.39 5.27
CA GLN A 284 -19.11 22.16 4.09
C GLN A 284 -18.45 21.22 3.10
N ASN A 285 -17.12 21.24 3.01
CA ASN A 285 -16.42 20.37 2.08
C ASN A 285 -16.53 18.91 2.47
N PHE A 286 -16.75 18.61 3.75
CA PHE A 286 -16.92 17.23 4.17
C PHE A 286 -18.26 16.65 3.76
N ARG A 287 -19.25 17.50 3.45
CA ARG A 287 -20.56 17.01 3.04
C ARG A 287 -20.52 16.49 1.61
N ARG A 288 -19.92 17.26 0.70
CA ARG A 288 -19.90 16.89 -0.71
C ARG A 288 -18.94 15.74 -1.01
N LEU A 289 -18.03 15.41 -0.12
CA LEU A 289 -17.16 14.25 -0.33
C LEU A 289 -17.90 12.95 -0.01
N ILE A 290 -18.69 12.95 1.05
CA ILE A 290 -19.50 11.76 1.37
C ILE A 290 -20.62 11.59 0.36
N GLU A 291 -21.15 12.70 -0.18
CA GLU A 291 -22.22 12.60 -1.16
C GLU A 291 -21.70 12.07 -2.50
N GLN A 292 -20.53 12.55 -2.93
CA GLN A 292 -19.98 12.09 -4.20
C GLN A 292 -19.53 10.63 -4.13
N GLN A 293 -19.08 10.18 -2.96
CA GLN A 293 -18.63 8.81 -2.79
C GLN A 293 -19.78 7.83 -2.57
N GLN A 294 -21.00 8.32 -2.33
CA GLN A 294 -22.17 7.50 -2.09
C GLN A 294 -21.91 6.52 -0.94
N LEU A 295 -21.64 7.10 0.24
CA LEU A 295 -21.20 6.33 1.40
C LEU A 295 -22.32 6.05 2.39
N VAL A 296 -23.10 7.07 2.76
CA VAL A 296 -24.09 6.94 3.83
C VAL A 296 -25.48 7.20 3.26
N GLU A 297 -26.49 6.94 4.09
CA GLU A 297 -27.88 7.16 3.74
C GLU A 297 -28.65 7.48 5.01
N GLU A 298 -29.86 8.02 4.83
CA GLU A 298 -30.68 8.42 5.96
C GLU A 298 -31.39 7.24 6.57
N THR A 299 -31.37 7.16 7.91
CA THR A 299 -32.08 6.10 8.62
C THR A 299 -33.55 6.43 8.86
N GLY A 300 -33.91 7.71 8.85
CA GLY A 300 -35.27 8.13 9.09
C GLY A 300 -35.57 8.63 10.47
N ASP A 301 -34.58 8.63 11.37
CA ASP A 301 -34.77 9.07 12.74
C ASP A 301 -33.96 10.34 13.00
N MET A 302 -34.16 10.90 14.19
CA MET A 302 -33.50 12.14 14.60
C MET A 302 -32.81 11.91 15.94
N ALA A 303 -32.05 12.90 16.36
CA ALA A 303 -31.32 12.84 17.63
C ALA A 303 -31.09 14.27 18.12
N THR A 304 -30.14 14.44 19.04
CA THR A 304 -29.80 15.73 19.60
C THR A 304 -28.29 15.93 19.51
N GLU A 305 -27.87 17.04 18.91
CA GLU A 305 -26.47 17.34 18.71
C GLU A 305 -25.91 18.18 19.87
N THR A 306 -24.60 18.41 19.82
CA THR A 306 -23.95 19.27 20.79
C THR A 306 -24.48 20.70 20.65
N GLY A 307 -25.10 21.20 21.72
CA GLY A 307 -25.77 22.48 21.68
C GLY A 307 -27.27 22.40 21.65
N GLY A 308 -27.84 21.20 21.71
CA GLY A 308 -29.28 21.02 21.72
C GLY A 308 -29.95 21.38 20.41
N ARG A 309 -29.55 20.71 19.33
CA ARG A 309 -30.11 20.98 18.01
C ARG A 309 -30.25 19.66 17.25
N PRO A 310 -31.34 19.49 16.51
CA PRO A 310 -31.58 18.21 15.84
C PRO A 310 -30.74 18.05 14.58
N ALA A 311 -30.47 16.79 14.25
CA ALA A 311 -29.76 16.43 13.03
C ALA A 311 -30.17 15.02 12.65
N LYS A 312 -30.32 14.78 11.35
CA LYS A 312 -30.77 13.49 10.87
C LYS A 312 -29.71 12.42 11.14
N LEU A 313 -30.17 11.23 11.49
CA LEU A 313 -29.30 10.10 11.75
C LEU A 313 -28.96 9.39 10.44
N PHE A 314 -27.70 8.98 10.31
CA PHE A 314 -27.21 8.34 9.09
C PHE A 314 -26.47 7.06 9.42
N ARG A 315 -26.53 6.11 8.50
CA ARG A 315 -25.80 4.86 8.60
C ARG A 315 -25.04 4.63 7.30
N PHE A 316 -23.96 3.85 7.39
CA PHE A 316 -23.22 3.47 6.19
C PHE A 316 -24.11 2.65 5.28
N ARG A 317 -24.11 2.98 3.99
CA ARG A 317 -24.96 2.28 3.03
C ARG A 317 -24.60 0.80 2.99
N GLN A 318 -25.60 -0.02 2.64
CA GLN A 318 -25.36 -1.45 2.51
C GLN A 318 -24.35 -1.75 1.42
N THR A 319 -24.31 -0.93 0.37
CA THR A 319 -23.32 -1.12 -0.68
C THR A 319 -21.90 -0.90 -0.17
N VAL A 320 -21.72 0.01 0.79
CA VAL A 320 -20.41 0.20 1.39
C VAL A 320 -20.04 -1.01 2.24
N LEU A 321 -21.01 -1.53 3.00
CA LEU A 321 -20.81 -2.78 3.72
C LEU A 321 -20.75 -3.98 2.78
N ASP A 322 -21.12 -3.82 1.51
CA ASP A 322 -20.88 -4.86 0.52
C ASP A 322 -19.43 -4.83 0.03
N GLU A 323 -18.79 -3.68 0.07
CA GLU A 323 -17.34 -3.63 -0.17
C GLU A 323 -16.57 -4.33 0.93
N ARG A 324 -17.11 -4.31 2.15
CA ARG A 324 -16.50 -5.00 3.28
C ARG A 324 -17.49 -5.93 3.96
N ALA B 44 11.15 -18.79 5.51
CA ALA B 44 11.03 -17.43 4.99
C ALA B 44 11.63 -17.31 3.60
N GLU B 45 10.86 -16.77 2.66
CA GLU B 45 11.27 -16.63 1.28
C GLU B 45 11.20 -15.17 0.86
N LEU B 46 12.18 -14.74 0.06
CA LEU B 46 12.24 -13.39 -0.49
C LEU B 46 12.08 -13.49 -2.00
N ILE B 47 10.88 -13.18 -2.49
CA ILE B 47 10.57 -13.23 -3.91
C ILE B 47 10.62 -11.81 -4.47
N ALA B 48 11.15 -11.66 -5.67
CA ALA B 48 11.30 -10.37 -6.32
C ALA B 48 10.48 -10.33 -7.60
N VAL B 49 9.90 -9.16 -7.87
CA VAL B 49 9.12 -8.92 -9.08
C VAL B 49 9.79 -7.76 -9.80
N VAL B 50 10.78 -8.07 -10.64
CA VAL B 50 11.51 -7.06 -11.38
C VAL B 50 10.86 -6.91 -12.75
N THR B 51 10.53 -5.67 -13.13
CA THR B 51 9.79 -5.38 -14.34
C THR B 51 10.62 -4.50 -15.27
N ALA B 52 10.59 -4.82 -16.56
CA ALA B 52 11.20 -4.01 -17.60
C ALA B 52 10.27 -3.93 -18.78
N ILE B 53 10.48 -2.92 -19.62
CA ILE B 53 9.67 -2.70 -20.82
C ILE B 53 10.60 -2.71 -22.03
N THR B 54 10.31 -3.60 -22.98
CA THR B 54 11.09 -3.71 -24.20
C THR B 54 10.17 -4.05 -25.36
N THR B 55 10.29 -3.29 -26.45
CA THR B 55 9.48 -3.47 -27.65
C THR B 55 7.99 -3.40 -27.31
N ASP B 56 7.62 -2.44 -26.46
CA ASP B 56 6.24 -2.22 -26.05
C ASP B 56 5.64 -3.48 -25.43
N GLU B 57 6.37 -4.05 -24.48
CA GLU B 57 5.93 -5.26 -23.80
C GLU B 57 6.51 -5.32 -22.40
N PRO B 58 5.70 -5.14 -21.36
CA PRO B 58 6.22 -5.23 -19.99
C PRO B 58 6.58 -6.65 -19.61
N ARG B 59 7.86 -6.91 -19.41
CA ARG B 59 8.35 -8.24 -19.04
C ARG B 59 8.68 -8.30 -17.56
N VAL B 60 8.90 -9.52 -17.08
CA VAL B 60 9.27 -9.77 -15.70
C VAL B 60 10.43 -10.76 -15.68
N MET B 61 11.38 -10.53 -14.78
CA MET B 61 12.54 -11.40 -14.67
C MET B 61 12.13 -12.75 -14.10
N THR B 62 12.53 -13.83 -14.78
CA THR B 62 12.17 -15.17 -14.39
C THR B 62 13.42 -16.05 -14.33
N VAL B 63 13.32 -17.12 -13.54
CA VAL B 63 14.36 -18.12 -13.41
C VAL B 63 13.72 -19.50 -13.55
N ARG B 64 14.57 -20.52 -13.56
CA ARG B 64 14.13 -21.92 -13.72
C ARG B 64 13.31 -22.08 -14.99
N GLU B 65 13.83 -21.52 -16.09
CA GLU B 65 13.21 -21.60 -17.42
C GLU B 65 11.82 -20.97 -17.43
N GLY B 66 11.75 -19.73 -16.96
CA GLY B 66 10.51 -18.96 -17.03
C GLY B 66 9.35 -19.52 -16.26
N ALA B 67 9.61 -20.36 -15.26
CA ALA B 67 8.55 -20.97 -14.47
C ALA B 67 8.51 -20.46 -13.03
N ALA B 68 9.43 -19.58 -12.63
CA ALA B 68 9.45 -19.08 -11.28
C ALA B 68 10.21 -17.75 -11.25
N LEU B 69 9.86 -16.92 -10.27
CA LEU B 69 10.54 -15.66 -10.06
C LEU B 69 11.82 -15.86 -9.25
N PRO B 70 12.81 -14.97 -9.40
CA PRO B 70 14.02 -15.08 -8.58
C PRO B 70 13.74 -14.95 -7.10
N SER B 71 13.94 -16.03 -6.34
CA SER B 71 13.66 -16.07 -4.92
C SER B 71 14.86 -16.62 -4.16
N GLY B 72 14.83 -16.43 -2.85
CA GLY B 72 15.89 -16.90 -1.99
C GLY B 72 15.51 -16.83 -0.52
N PRO B 73 15.92 -17.83 0.25
CA PRO B 73 15.55 -17.85 1.67
C PRO B 73 16.32 -16.82 2.47
N PHE B 74 15.64 -16.27 3.48
CA PHE B 74 16.26 -15.31 4.39
C PHE B 74 17.15 -16.06 5.38
N GLU B 75 18.37 -15.59 5.55
CA GLU B 75 19.36 -16.23 6.40
C GLU B 75 19.86 -15.25 7.47
N PHE B 76 20.83 -15.72 8.25
CA PHE B 76 21.33 -14.93 9.38
C PHE B 76 22.21 -13.77 8.91
N GLY B 77 22.90 -13.93 7.77
CA GLY B 77 23.85 -12.93 7.34
C GLY B 77 23.23 -11.68 6.77
N HIS B 78 22.05 -11.78 6.17
CA HIS B 78 21.41 -10.63 5.56
C HIS B 78 20.97 -9.64 6.63
N ARG B 79 21.43 -8.39 6.50
CA ARG B 79 21.10 -7.37 7.50
C ARG B 79 19.66 -6.90 7.36
N THR B 80 19.30 -6.38 6.19
CA THR B 80 17.94 -5.92 5.92
C THR B 80 17.27 -6.84 4.90
N LEU B 81 15.95 -6.74 4.84
CA LEU B 81 15.21 -7.56 3.87
C LEU B 81 15.51 -7.15 2.45
N GLN B 82 15.84 -5.88 2.22
CA GLN B 82 16.19 -5.44 0.87
C GLN B 82 17.59 -5.88 0.48
N SER B 83 18.56 -5.75 1.40
CA SER B 83 19.92 -6.17 1.10
C SER B 83 20.03 -7.68 0.94
N GLY B 84 19.13 -8.43 1.59
CA GLY B 84 19.15 -9.87 1.42
C GLY B 84 18.63 -10.31 0.07
N LEU B 85 17.57 -9.65 -0.42
CA LEU B 85 17.05 -9.98 -1.73
C LEU B 85 17.98 -9.53 -2.85
N ARG B 86 18.72 -8.43 -2.62
CA ARG B 86 19.69 -7.97 -3.61
C ARG B 86 20.81 -8.97 -3.82
N GLU B 87 21.09 -9.83 -2.83
CA GLU B 87 22.12 -10.84 -2.99
C GLU B 87 21.63 -12.02 -3.82
N TRP B 88 20.38 -12.45 -3.59
CA TRP B 88 19.84 -13.58 -4.34
C TRP B 88 19.67 -13.23 -5.81
N ILE B 89 19.28 -11.98 -6.10
CA ILE B 89 19.13 -11.56 -7.50
C ILE B 89 20.49 -11.44 -8.16
N HIS B 90 21.49 -10.97 -7.41
CA HIS B 90 22.83 -10.75 -7.96
C HIS B 90 23.51 -12.03 -8.38
N GLU B 91 23.06 -13.18 -7.86
CA GLU B 91 23.65 -14.47 -8.22
C GLU B 91 22.74 -15.34 -9.07
N GLN B 92 21.42 -15.16 -8.99
CA GLN B 92 20.53 -15.96 -9.82
C GLN B 92 20.35 -15.36 -11.21
N THR B 93 20.42 -14.03 -11.32
CA THR B 93 20.30 -13.35 -12.60
C THR B 93 21.48 -12.45 -12.94
N HIS B 94 22.29 -12.07 -11.96
CA HIS B 94 23.45 -11.19 -12.15
C HIS B 94 23.09 -9.82 -12.70
N HIS B 95 21.80 -9.46 -12.68
CA HIS B 95 21.29 -8.23 -13.26
C HIS B 95 21.35 -7.09 -12.25
N PRO B 96 21.77 -5.89 -12.67
CA PRO B 96 21.72 -4.73 -11.78
C PRO B 96 20.27 -4.43 -11.40
N VAL B 97 20.08 -4.10 -10.13
CA VAL B 97 18.75 -3.93 -9.54
C VAL B 97 18.54 -2.47 -9.19
N GLY B 98 17.35 -1.96 -9.47
CA GLY B 98 16.96 -0.62 -9.07
C GLY B 98 16.64 -0.54 -7.60
N TYR B 99 15.67 0.30 -7.27
CA TYR B 99 15.25 0.52 -5.89
C TYR B 99 13.99 -0.28 -5.62
N LEU B 100 14.00 -1.04 -4.53
CA LEU B 100 12.94 -2.00 -4.23
C LEU B 100 11.98 -1.43 -3.20
N GLU B 101 10.69 -1.70 -3.39
CA GLU B 101 9.65 -1.39 -2.42
C GLU B 101 8.85 -2.64 -2.15
N GLN B 102 8.38 -2.77 -0.91
CA GLN B 102 7.70 -3.98 -0.49
C GLN B 102 6.33 -4.11 -1.17
N LEU B 103 5.95 -5.35 -1.47
CA LEU B 103 4.70 -5.62 -2.15
C LEU B 103 3.66 -6.17 -1.19
N TYR B 104 3.79 -7.44 -0.81
CA TYR B 104 2.83 -8.09 0.05
C TYR B 104 3.48 -9.32 0.67
N THR B 105 3.02 -9.68 1.86
CA THR B 105 3.50 -10.85 2.57
C THR B 105 2.40 -11.91 2.57
N PHE B 106 2.69 -13.06 1.95
CA PHE B 106 1.71 -14.11 1.79
C PHE B 106 2.14 -15.36 2.55
N ALA B 107 1.16 -16.19 2.89
CA ALA B 107 1.39 -17.48 3.51
C ALA B 107 1.03 -18.58 2.51
N ASP B 108 1.58 -19.77 2.76
CA ASP B 108 1.36 -20.93 1.90
C ASP B 108 0.76 -22.07 2.72
N ARG B 109 0.57 -23.21 2.07
CA ARG B 109 0.04 -24.41 2.73
C ARG B 109 1.02 -24.93 3.77
N ARG B 119 5.91 -25.42 5.65
CA ARG B 119 5.37 -24.17 6.15
C ARG B 119 6.29 -23.03 5.71
N THR B 120 5.80 -22.16 4.83
CA THR B 120 6.65 -21.22 4.13
C THR B 120 6.01 -19.83 4.11
N ILE B 121 6.80 -18.81 4.40
CA ILE B 121 6.38 -17.42 4.34
C ILE B 121 7.09 -16.75 3.18
N SER B 122 6.35 -15.96 2.40
CA SER B 122 6.88 -15.28 1.23
C SER B 122 6.63 -13.78 1.33
N ILE B 123 7.66 -13.00 1.00
CA ILE B 123 7.59 -11.55 1.01
C ILE B 123 8.03 -11.04 -0.36
N GLY B 124 7.16 -10.30 -1.03
CA GLY B 124 7.43 -9.82 -2.37
C GLY B 124 7.96 -8.39 -2.40
N TYR B 125 8.72 -8.10 -3.46
CA TYR B 125 9.28 -6.77 -3.67
C TYR B 125 9.15 -6.39 -5.14
N LEU B 126 8.82 -5.13 -5.40
CA LEU B 126 8.63 -4.64 -6.76
C LEU B 126 9.85 -3.82 -7.18
N GLY B 127 10.31 -4.06 -8.41
CA GLY B 127 11.45 -3.35 -8.94
C GLY B 127 11.29 -2.98 -10.42
N LEU B 128 11.71 -1.77 -10.77
CA LEU B 128 11.64 -1.28 -12.14
C LEU B 128 13.06 -1.02 -12.63
N VAL B 129 13.44 -1.65 -13.74
CA VAL B 129 14.75 -1.50 -14.34
C VAL B 129 14.62 -1.47 -15.86
N ARG B 130 15.71 -1.11 -16.51
CA ARG B 130 15.83 -1.26 -17.96
C ARG B 130 16.53 -2.59 -18.27
N GLU B 131 15.98 -3.31 -19.24
CA GLU B 131 16.50 -4.64 -19.57
C GLU B 131 17.91 -4.54 -20.15
N GLN B 132 18.92 -4.65 -19.31
CA GLN B 132 20.31 -4.63 -19.76
C GLN B 132 21.05 -5.88 -19.30
N PHE B 141 17.26 -13.88 -18.27
CA PHE B 141 16.09 -14.45 -18.95
C PHE B 141 14.85 -13.62 -18.63
N TRP B 142 14.06 -13.32 -19.66
CA TRP B 142 12.88 -12.46 -19.51
C TRP B 142 11.68 -13.09 -20.17
N HIS B 143 10.52 -12.94 -19.54
CA HIS B 143 9.25 -13.36 -20.09
C HIS B 143 8.22 -12.25 -19.86
N GLY B 144 7.32 -12.09 -20.82
CA GLY B 144 6.35 -11.02 -20.74
C GLY B 144 5.35 -11.20 -19.62
N TRP B 145 4.73 -10.08 -19.23
CA TRP B 145 3.68 -10.13 -18.22
C TRP B 145 2.50 -10.98 -18.67
N TYR B 146 2.14 -10.87 -19.95
CA TYR B 146 0.90 -11.44 -20.46
C TYR B 146 1.04 -12.90 -20.86
N GLU B 147 2.23 -13.49 -20.73
CA GLU B 147 2.35 -14.94 -20.88
C GLU B 147 1.63 -15.66 -19.75
N TYR B 148 1.76 -15.14 -18.52
CA TYR B 148 1.07 -15.70 -17.38
C TYR B 148 -0.32 -15.11 -17.18
N PHE B 149 -0.52 -13.85 -17.60
CA PHE B 149 -1.80 -13.17 -17.49
C PHE B 149 -2.23 -12.67 -18.86
N PRO B 150 -2.71 -13.56 -19.73
CA PRO B 150 -3.15 -13.11 -21.06
C PRO B 150 -4.42 -12.29 -21.05
N TRP B 151 -5.25 -12.43 -20.02
CA TRP B 151 -6.53 -11.72 -19.95
C TRP B 151 -6.38 -10.29 -19.43
N GLU B 152 -5.18 -9.85 -19.10
CA GLU B 152 -4.98 -8.52 -18.53
C GLU B 152 -4.61 -7.47 -19.57
N ASP B 153 -4.10 -7.88 -20.73
CA ASP B 153 -3.73 -6.94 -21.79
C ASP B 153 -4.96 -6.64 -22.63
N HIS B 154 -5.45 -5.41 -22.55
CA HIS B 154 -6.59 -4.95 -23.34
C HIS B 154 -6.19 -3.82 -24.27
N ARG B 155 -4.92 -3.79 -24.69
CA ARG B 155 -4.47 -2.75 -25.61
C ARG B 155 -5.11 -2.92 -26.98
N GLN B 156 -5.32 -4.16 -27.42
CA GLN B 156 -5.98 -4.45 -28.68
C GLN B 156 -7.46 -4.81 -28.50
N GLY B 157 -8.08 -4.32 -27.44
CA GLY B 157 -9.46 -4.64 -27.15
C GLY B 157 -9.59 -5.77 -26.15
N ARG B 158 -10.83 -6.22 -26.00
CA ARG B 158 -11.11 -7.32 -25.08
C ARG B 158 -10.52 -8.61 -25.64
N PRO B 159 -9.66 -9.30 -24.89
CA PRO B 159 -9.10 -10.56 -25.39
C PRO B 159 -10.17 -11.64 -25.52
N ASP B 160 -10.05 -12.44 -26.58
CA ASP B 160 -11.01 -13.50 -26.82
C ASP B 160 -10.90 -14.63 -25.81
N ILE B 161 -9.78 -14.72 -25.09
CA ILE B 161 -9.65 -15.74 -24.04
C ILE B 161 -10.57 -15.43 -22.87
N LEU B 162 -11.00 -14.17 -22.72
CA LEU B 162 -11.93 -13.84 -21.64
C LEU B 162 -13.27 -14.51 -21.83
N ASP B 163 -13.69 -14.73 -23.08
CA ASP B 163 -14.96 -15.40 -23.33
C ASP B 163 -14.94 -16.84 -22.82
N SER B 164 -13.79 -17.50 -22.93
CA SER B 164 -13.64 -18.84 -22.38
C SER B 164 -13.47 -18.85 -20.87
N ILE B 165 -13.07 -17.72 -20.29
CA ILE B 165 -12.93 -17.62 -18.84
C ILE B 165 -14.25 -17.28 -18.16
N ILE B 166 -15.01 -16.35 -18.74
CA ILE B 166 -16.29 -15.97 -18.16
C ILE B 166 -17.27 -17.13 -18.20
N ASP B 167 -17.20 -17.96 -19.25
CA ASP B 167 -18.07 -19.13 -19.33
C ASP B 167 -17.74 -20.14 -18.24
N LYS B 168 -16.45 -20.37 -17.98
CA LYS B 168 -16.06 -21.25 -16.89
C LYS B 168 -16.37 -20.61 -15.53
N LEU B 169 -16.16 -19.30 -15.41
CA LEU B 169 -16.46 -18.60 -14.17
C LEU B 169 -17.96 -18.50 -13.91
N ARG B 170 -18.79 -18.69 -14.93
CA ARG B 170 -20.23 -18.62 -14.74
C ARG B 170 -20.79 -19.94 -14.25
N ALA B 171 -20.27 -21.06 -14.74
CA ALA B 171 -20.72 -22.36 -14.25
C ALA B 171 -20.25 -22.61 -12.82
N TRP B 172 -19.13 -21.99 -12.42
CA TRP B 172 -18.67 -22.12 -11.04
C TRP B 172 -19.57 -21.34 -10.09
N ALA B 173 -20.03 -20.17 -10.51
CA ALA B 173 -20.92 -19.38 -9.67
C ALA B 173 -22.32 -19.98 -9.63
N ASP B 174 -22.75 -20.61 -10.71
CA ASP B 174 -24.09 -21.20 -10.81
C ASP B 174 -24.15 -22.62 -10.28
N SER B 175 -23.05 -23.14 -9.76
CA SER B 175 -23.04 -24.53 -9.26
C SER B 175 -23.83 -24.67 -7.98
N GLU B 176 -23.89 -23.62 -7.16
CA GLU B 176 -24.62 -23.64 -5.90
C GLU B 176 -25.67 -22.55 -5.89
N PRO B 177 -26.97 -22.89 -5.90
CA PRO B 177 -28.02 -21.85 -5.93
C PRO B 177 -27.89 -20.79 -4.85
N ASP B 178 -27.51 -21.16 -3.63
CA ASP B 178 -27.35 -20.17 -2.57
C ASP B 178 -26.15 -19.26 -2.83
N SER B 179 -25.04 -19.84 -3.29
CA SER B 179 -23.87 -19.05 -3.66
C SER B 179 -24.01 -18.41 -5.04
N ARG B 180 -25.12 -18.65 -5.73
CA ARG B 180 -25.29 -18.10 -7.07
C ARG B 180 -25.37 -16.57 -7.04
N ALA B 181 -26.31 -16.05 -6.26
CA ALA B 181 -26.48 -14.59 -6.18
C ALA B 181 -25.29 -13.90 -5.53
N GLN B 182 -24.44 -14.65 -4.82
CA GLN B 182 -23.27 -14.07 -4.17
C GLN B 182 -22.02 -14.15 -5.03
N ARG B 183 -21.71 -15.34 -5.55
CA ARG B 183 -20.51 -15.51 -6.37
C ARG B 183 -20.55 -14.69 -7.65
N HIS B 184 -21.75 -14.35 -8.14
CA HIS B 184 -21.87 -13.52 -9.33
C HIS B 184 -21.45 -12.09 -9.09
N LEU B 185 -21.21 -11.70 -7.83
CA LEU B 185 -20.75 -10.35 -7.52
C LEU B 185 -19.24 -10.23 -7.58
N ARG B 186 -18.50 -11.32 -7.35
CA ARG B 186 -17.05 -11.29 -7.52
C ARG B 186 -16.67 -11.20 -8.98
N ALA B 187 -17.36 -11.95 -9.84
CA ALA B 187 -17.08 -11.95 -11.27
C ALA B 187 -17.62 -10.71 -11.98
N ASP B 188 -18.31 -9.82 -11.27
CA ASP B 188 -18.78 -8.56 -11.82
C ASP B 188 -17.91 -7.38 -11.40
N PHE B 189 -17.45 -7.38 -10.15
CA PHE B 189 -16.55 -6.32 -9.68
C PHE B 189 -15.15 -6.49 -10.25
N THR B 190 -14.57 -7.69 -10.10
CA THR B 190 -13.25 -7.97 -10.63
C THR B 190 -13.30 -8.15 -12.15
N PHE B 191 -13.98 -9.20 -12.61
CA PHE B 191 -14.15 -9.42 -14.03
C PHE B 191 -15.38 -8.69 -14.55
N GLY B 192 -16.01 -9.22 -15.60
CA GLY B 192 -17.17 -8.58 -16.17
C GLY B 192 -18.28 -9.54 -16.54
N LEU B 193 -18.63 -10.44 -15.61
CA LEU B 193 -19.68 -11.42 -15.89
C LEU B 193 -21.05 -10.76 -15.88
N ASP B 194 -21.36 -10.00 -14.82
CA ASP B 194 -22.63 -9.30 -14.70
C ASP B 194 -22.56 -7.86 -15.19
N GLY B 195 -21.64 -7.56 -16.10
CA GLY B 195 -21.49 -6.21 -16.62
C GLY B 195 -20.38 -5.46 -15.89
N GLY B 196 -20.68 -4.25 -15.44
CA GLY B 196 -19.71 -3.44 -14.74
C GLY B 196 -18.66 -2.87 -15.67
N GLY B 197 -17.70 -2.17 -15.07
CA GLY B 197 -16.60 -1.56 -15.79
C GLY B 197 -15.29 -2.26 -15.49
N TRP B 198 -14.44 -2.39 -16.51
CA TRP B 198 -13.16 -3.05 -16.35
C TRP B 198 -12.22 -2.17 -15.52
N ASN B 199 -11.79 -2.69 -14.38
CA ASN B 199 -10.85 -2.00 -13.50
C ASN B 199 -9.51 -2.71 -13.59
N GLU B 200 -8.53 -2.05 -14.21
CA GLU B 200 -7.21 -2.65 -14.37
C GLU B 200 -6.43 -2.77 -13.07
N GLU B 201 -6.87 -2.09 -12.01
CA GLU B 201 -6.19 -2.19 -10.72
C GLU B 201 -6.51 -3.48 -9.97
N LEU B 202 -7.57 -4.18 -10.37
CA LEU B 202 -7.99 -5.41 -9.71
C LEU B 202 -7.30 -6.64 -10.28
N THR B 203 -6.00 -6.55 -10.55
CA THR B 203 -5.28 -7.69 -11.11
C THR B 203 -5.12 -8.81 -10.09
N LEU B 204 -4.78 -8.46 -8.85
CA LEU B 204 -4.62 -9.49 -7.82
C LEU B 204 -5.95 -10.13 -7.46
N GLN B 205 -7.01 -9.32 -7.30
CA GLN B 205 -8.31 -9.86 -6.94
C GLN B 205 -8.87 -10.74 -8.05
N ARG B 206 -8.51 -10.47 -9.30
CA ARG B 206 -8.95 -11.33 -10.40
C ARG B 206 -8.28 -12.69 -10.34
N TYR B 207 -7.00 -12.73 -9.98
CA TYR B 207 -6.31 -14.01 -9.86
C TYR B 207 -6.80 -14.81 -8.66
N GLU B 208 -7.19 -14.13 -7.57
CA GLU B 208 -7.75 -14.83 -6.43
C GLU B 208 -9.08 -15.47 -6.74
N LEU B 209 -9.83 -14.91 -7.70
CA LEU B 209 -11.11 -15.49 -8.09
C LEU B 209 -10.93 -16.74 -8.94
N LEU B 210 -9.89 -16.79 -9.78
CA LEU B 210 -9.65 -17.98 -10.58
C LEU B 210 -9.09 -19.11 -9.73
N TYR B 211 -8.25 -18.78 -8.73
CA TYR B 211 -7.73 -19.80 -7.84
C TYR B 211 -8.84 -20.38 -6.97
N GLU B 212 -9.77 -19.54 -6.52
CA GLU B 212 -10.89 -20.03 -5.71
C GLU B 212 -11.88 -20.84 -6.56
N ALA B 213 -11.97 -20.53 -7.85
CA ALA B 213 -12.86 -21.26 -8.75
C ALA B 213 -12.21 -22.50 -9.35
N GLY B 214 -10.92 -22.72 -9.10
CA GLY B 214 -10.25 -23.88 -9.66
C GLY B 214 -10.01 -23.80 -11.15
N LEU B 215 -9.80 -22.61 -11.69
CA LEU B 215 -9.60 -22.42 -13.12
C LEU B 215 -8.14 -22.17 -13.48
N VAL B 216 -7.21 -22.52 -12.60
CA VAL B 216 -5.79 -22.37 -12.84
C VAL B 216 -5.08 -23.67 -12.47
N GLY B 217 -3.85 -23.81 -12.97
CA GLY B 217 -3.07 -25.01 -12.69
C GLY B 217 -2.62 -25.12 -11.25
N GLU B 218 -2.54 -24.01 -10.52
CA GLU B 218 -2.11 -24.02 -9.13
C GLU B 218 -3.23 -24.40 -8.16
N ALA B 219 -4.47 -24.56 -8.65
CA ALA B 219 -5.58 -24.89 -7.78
C ALA B 219 -5.74 -26.38 -7.55
N GLN B 220 -5.29 -27.20 -8.50
CA GLN B 220 -5.32 -28.66 -8.38
C GLN B 220 -6.75 -29.18 -8.19
N SER B 221 -7.62 -28.80 -9.12
CA SER B 221 -8.99 -29.29 -9.17
C SER B 221 -9.09 -30.45 -10.16
N GLU B 222 -10.01 -31.38 -9.88
CA GLU B 222 -10.16 -32.58 -10.71
C GLU B 222 -10.34 -32.24 -12.19
N PRO B 223 -11.20 -31.29 -12.59
CA PRO B 223 -11.16 -30.82 -13.98
C PRO B 223 -9.96 -29.92 -14.21
N ARG B 224 -9.00 -30.38 -14.99
CA ARG B 224 -7.74 -29.65 -15.19
C ARG B 224 -7.98 -28.51 -16.17
N ILE B 225 -8.41 -27.37 -15.65
CA ILE B 225 -8.61 -26.15 -16.42
C ILE B 225 -7.51 -25.18 -16.06
N ASN B 226 -6.87 -24.59 -17.07
CA ASN B 226 -5.78 -23.65 -16.84
C ASN B 226 -5.81 -22.57 -17.91
N PHE B 227 -5.72 -21.32 -17.48
CA PHE B 227 -5.61 -20.17 -18.37
C PHE B 227 -4.31 -19.45 -18.04
N GLY B 228 -3.46 -19.28 -19.05
CA GLY B 228 -2.15 -18.69 -18.85
C GLY B 228 -1.12 -19.70 -18.40
N ARG B 229 0.12 -19.24 -18.31
CA ARG B 229 1.22 -20.12 -17.94
C ARG B 229 1.34 -20.17 -16.42
N PRO B 230 1.35 -21.36 -15.82
CA PRO B 230 1.48 -21.45 -14.35
C PRO B 230 2.92 -21.25 -13.90
N MET B 231 3.06 -20.99 -12.60
CA MET B 231 4.35 -20.81 -11.96
C MET B 231 4.44 -21.68 -10.72
N PHE B 232 5.66 -21.82 -10.21
CA PHE B 232 5.88 -22.65 -9.04
C PHE B 232 5.36 -21.96 -7.78
N ALA B 233 4.77 -22.75 -6.89
CA ALA B 233 4.20 -22.28 -5.62
C ALA B 233 3.16 -21.22 -5.96
N ASP B 234 3.16 -20.06 -5.28
CA ASP B 234 2.25 -18.97 -5.59
C ASP B 234 2.99 -17.79 -6.19
N HIS B 235 3.92 -18.08 -7.12
CA HIS B 235 4.70 -17.01 -7.73
C HIS B 235 3.86 -16.16 -8.67
N ARG B 236 2.85 -16.76 -9.33
CA ARG B 236 1.93 -15.96 -10.13
C ARG B 236 1.06 -15.09 -9.25
N ARG B 237 0.83 -15.49 -8.00
CA ARG B 237 0.11 -14.64 -7.06
C ARG B 237 0.95 -13.44 -6.66
N ILE B 238 2.27 -13.61 -6.55
CA ILE B 238 3.15 -12.49 -6.23
C ILE B 238 3.22 -11.52 -7.42
N LEU B 239 3.29 -12.06 -8.63
CA LEU B 239 3.31 -11.21 -9.81
C LEU B 239 2.01 -10.43 -9.97
N ALA B 240 0.89 -11.04 -9.59
CA ALA B 240 -0.39 -10.33 -9.65
C ALA B 240 -0.43 -9.17 -8.66
N THR B 241 0.27 -9.30 -7.52
CA THR B 241 0.33 -8.21 -6.56
C THR B 241 1.21 -7.08 -7.07
N GLY B 242 2.29 -7.42 -7.77
CA GLY B 242 3.18 -6.39 -8.30
C GLY B 242 2.55 -5.61 -9.43
N ILE B 243 1.78 -6.28 -10.27
CA ILE B 243 1.11 -5.59 -11.38
C ILE B 243 0.04 -4.64 -10.84
N ALA B 244 -0.74 -5.09 -9.87
CA ALA B 244 -1.77 -4.22 -9.29
C ALA B 244 -1.14 -3.04 -8.55
N ARG B 245 0.00 -3.26 -7.90
CA ARG B 245 0.69 -2.16 -7.23
C ARG B 245 1.27 -1.18 -8.23
N LEU B 246 1.87 -1.69 -9.31
CA LEU B 246 2.45 -0.80 -10.31
C LEU B 246 1.37 -0.04 -11.08
N ARG B 247 0.29 -0.73 -11.45
CA ARG B 247 -0.78 -0.06 -12.18
C ARG B 247 -1.49 0.99 -11.33
N ALA B 248 -1.47 0.83 -10.00
CA ALA B 248 -2.06 1.83 -9.13
C ALA B 248 -1.18 3.07 -9.02
N LYS B 249 0.13 2.91 -9.22
CA LYS B 249 1.04 4.05 -9.12
C LYS B 249 1.06 4.88 -10.40
N ILE B 250 0.88 4.24 -11.56
CA ILE B 250 0.97 4.96 -12.83
C ILE B 250 -0.32 5.67 -13.21
N LYS B 251 -1.44 5.37 -12.54
CA LYS B 251 -2.71 5.98 -12.92
C LYS B 251 -2.77 7.45 -12.52
N TYR B 252 -2.13 7.82 -11.43
CA TYR B 252 -2.18 9.19 -10.92
C TYR B 252 -0.84 9.89 -10.93
N ARG B 253 0.24 9.19 -10.59
CA ARG B 253 1.58 9.77 -10.56
C ARG B 253 2.56 8.79 -11.18
N PRO B 254 2.59 8.70 -12.52
CA PRO B 254 3.50 7.75 -13.18
C PRO B 254 4.96 8.13 -13.01
N VAL B 255 5.58 7.68 -11.94
CA VAL B 255 7.01 7.89 -11.70
C VAL B 255 7.71 6.64 -12.22
N VAL B 256 8.10 6.66 -13.49
CA VAL B 256 8.68 5.50 -14.15
C VAL B 256 9.98 5.87 -14.82
N PHE B 257 10.83 6.64 -14.12
CA PHE B 257 12.12 7.02 -14.68
C PHE B 257 13.05 5.83 -14.81
N GLU B 258 12.83 4.75 -14.05
CA GLU B 258 13.68 3.58 -14.14
C GLU B 258 13.36 2.74 -15.37
N LEU B 259 12.08 2.64 -15.73
CA LEU B 259 11.70 1.87 -16.91
C LEU B 259 12.08 2.58 -18.21
N MET B 260 12.01 3.90 -18.22
CA MET B 260 12.36 4.67 -19.40
C MET B 260 13.86 4.82 -19.52
N ALA B 261 14.30 5.34 -20.66
CA ALA B 261 15.72 5.59 -20.90
C ALA B 261 16.10 6.94 -20.28
N ASP B 262 17.27 7.46 -20.65
CA ASP B 262 17.69 8.75 -20.12
C ASP B 262 16.91 9.89 -20.76
N SER B 263 16.42 9.70 -21.98
CA SER B 263 15.61 10.70 -22.65
C SER B 263 14.60 9.99 -23.54
N PHE B 264 13.36 10.46 -23.53
CA PHE B 264 12.28 9.85 -24.29
C PHE B 264 11.42 10.96 -24.88
N THR B 265 10.29 10.56 -25.46
CA THR B 265 9.35 11.48 -26.08
C THR B 265 7.96 11.31 -25.45
N LEU B 266 6.98 12.03 -26.01
CA LEU B 266 5.63 11.98 -25.48
C LEU B 266 4.95 10.66 -25.81
N LEU B 267 5.02 10.25 -27.08
CA LEU B 267 4.38 9.00 -27.47
C LEU B 267 5.06 7.79 -26.85
N GLN B 268 6.39 7.86 -26.65
CA GLN B 268 7.11 6.72 -26.08
C GLN B 268 6.68 6.48 -24.63
N LEU B 269 6.47 7.55 -23.87
CA LEU B 269 6.00 7.37 -22.49
C LEU B 269 4.56 6.90 -22.44
N GLN B 270 3.73 7.36 -23.39
CA GLN B 270 2.35 6.91 -23.42
C GLN B 270 2.26 5.42 -23.75
N ARG B 271 3.11 4.95 -24.68
CA ARG B 271 3.12 3.54 -25.00
C ARG B 271 3.52 2.69 -23.80
N ALA B 272 4.45 3.19 -22.98
CA ALA B 272 4.88 2.44 -21.81
C ALA B 272 3.78 2.37 -20.76
N ILE B 273 3.09 3.49 -20.51
CA ILE B 273 2.00 3.49 -19.55
C ILE B 273 0.85 2.63 -20.05
N GLU B 274 0.56 2.68 -21.35
CA GLU B 274 -0.48 1.82 -21.91
C GLU B 274 -0.07 0.35 -21.88
N ALA B 275 1.23 0.06 -21.96
CA ALA B 275 1.67 -1.33 -21.89
C ALA B 275 1.58 -1.86 -20.46
N LEU B 276 1.92 -1.04 -19.48
CA LEU B 276 1.81 -1.48 -18.09
C LEU B 276 0.35 -1.59 -17.67
N ALA B 277 -0.43 -0.54 -17.88
CA ALA B 277 -1.85 -0.57 -17.54
C ALA B 277 -2.65 -1.49 -18.45
N GLY B 278 -2.09 -1.91 -19.58
CA GLY B 278 -2.81 -2.79 -20.48
C GLY B 278 -4.01 -2.15 -21.14
N LEU B 279 -4.10 -0.82 -21.14
CA LEU B 279 -5.24 -0.12 -21.70
C LEU B 279 -4.74 1.05 -22.53
N THR B 280 -5.29 1.21 -23.73
CA THR B 280 -4.97 2.36 -24.56
C THR B 280 -5.54 3.63 -23.94
N LEU B 281 -4.70 4.64 -23.80
CA LEU B 281 -5.07 5.87 -23.12
C LEU B 281 -5.36 6.98 -24.12
N HIS B 282 -6.11 7.97 -23.66
CA HIS B 282 -6.38 9.16 -24.48
C HIS B 282 -5.10 9.96 -24.68
N LYS B 283 -4.89 10.44 -25.90
CA LYS B 283 -3.65 11.13 -26.23
C LYS B 283 -3.57 12.48 -25.53
N GLN B 284 -4.55 13.35 -25.76
CA GLN B 284 -4.51 14.69 -25.18
C GLN B 284 -4.70 14.65 -23.67
N ASN B 285 -5.45 13.67 -23.16
CA ASN B 285 -5.60 13.54 -21.72
C ASN B 285 -4.29 13.13 -21.06
N PHE B 286 -3.47 12.35 -21.75
CA PHE B 286 -2.15 11.99 -21.24
C PHE B 286 -1.20 13.18 -21.21
N ARG B 287 -1.49 14.22 -22.00
CA ARG B 287 -0.64 15.40 -22.03
C ARG B 287 -0.83 16.27 -20.80
N ARG B 288 -2.08 16.50 -20.41
CA ARG B 288 -2.37 17.36 -19.27
C ARG B 288 -2.08 16.70 -17.93
N LEU B 289 -2.03 15.37 -17.88
CA LEU B 289 -1.77 14.68 -16.63
C LEU B 289 -0.30 14.80 -16.24
N ILE B 290 0.61 14.56 -17.19
CA ILE B 290 2.03 14.70 -16.91
C ILE B 290 2.40 16.15 -16.65
N GLU B 291 1.70 17.09 -17.30
CA GLU B 291 1.97 18.50 -17.08
C GLU B 291 1.49 18.94 -15.70
N GLN B 292 0.35 18.42 -15.25
CA GLN B 292 -0.18 18.80 -13.95
C GLN B 292 0.64 18.21 -12.81
N GLN B 293 1.09 16.96 -12.96
CA GLN B 293 1.87 16.31 -11.93
C GLN B 293 3.31 16.79 -11.87
N GLN B 294 3.77 17.54 -12.88
CA GLN B 294 5.13 18.06 -12.97
C GLN B 294 6.16 16.93 -12.82
N LEU B 295 6.16 16.06 -13.83
CA LEU B 295 6.98 14.86 -13.82
C LEU B 295 8.19 14.93 -14.74
N VAL B 296 8.07 15.57 -15.90
CA VAL B 296 9.14 15.61 -16.89
C VAL B 296 9.40 17.04 -17.32
N GLU B 297 10.58 17.25 -17.92
CA GLU B 297 10.96 18.53 -18.46
C GLU B 297 11.67 18.31 -19.80
N GLU B 298 11.80 19.39 -20.56
CA GLU B 298 12.40 19.31 -21.89
C GLU B 298 13.92 19.22 -21.78
N THR B 299 14.52 18.44 -22.68
CA THR B 299 15.98 18.29 -22.74
C THR B 299 16.62 19.23 -23.75
N GLY B 300 15.81 19.97 -24.52
CA GLY B 300 16.35 20.85 -25.54
C GLY B 300 16.79 20.17 -26.81
N ASP B 301 16.53 18.87 -26.96
CA ASP B 301 16.93 18.11 -28.13
C ASP B 301 15.70 17.59 -28.85
N MET B 302 15.82 17.42 -30.16
CA MET B 302 14.77 16.89 -31.00
C MET B 302 15.13 15.46 -31.42
N ALA B 303 14.11 14.71 -31.82
CA ALA B 303 14.29 13.31 -32.19
C ALA B 303 13.49 13.02 -33.46
N THR B 304 13.53 11.77 -33.88
CA THR B 304 12.81 11.29 -35.06
C THR B 304 11.83 10.21 -34.59
N GLU B 305 10.56 10.58 -34.49
CA GLU B 305 9.54 9.69 -33.95
C GLU B 305 9.28 8.51 -34.89
N THR B 306 8.47 7.58 -34.41
CA THR B 306 7.96 6.51 -35.25
C THR B 306 7.07 7.15 -36.32
N GLY B 307 7.60 7.27 -37.54
CA GLY B 307 6.96 8.03 -38.59
C GLY B 307 7.84 9.11 -39.19
N GLY B 308 9.06 9.30 -38.70
CA GLY B 308 9.99 10.25 -39.27
C GLY B 308 9.57 11.70 -39.16
N ARG B 309 9.34 12.17 -37.94
CA ARG B 309 8.87 13.53 -37.71
C ARG B 309 9.47 14.09 -36.43
N PRO B 310 9.67 15.40 -36.36
CA PRO B 310 10.35 16.00 -35.20
C PRO B 310 9.43 16.07 -33.99
N ALA B 311 9.96 15.64 -32.85
CA ALA B 311 9.28 15.79 -31.56
C ALA B 311 10.33 15.99 -30.49
N LYS B 312 10.04 16.86 -29.53
CA LYS B 312 11.01 17.21 -28.50
C LYS B 312 11.31 16.01 -27.60
N LEU B 313 12.54 15.95 -27.11
CA LEU B 313 12.97 14.92 -26.18
C LEU B 313 12.75 15.40 -24.75
N PHE B 314 12.36 14.47 -23.87
CA PHE B 314 11.97 14.81 -22.51
C PHE B 314 12.68 13.88 -21.53
N ARG B 315 12.90 14.41 -20.32
CA ARG B 315 13.51 13.65 -19.23
C ARG B 315 12.71 13.91 -17.96
N PHE B 316 12.71 12.91 -17.08
CA PHE B 316 12.07 13.09 -15.77
C PHE B 316 12.79 14.18 -15.00
N ARG B 317 12.02 15.07 -14.38
CA ARG B 317 12.60 16.20 -13.66
C ARG B 317 13.42 15.71 -12.47
N GLN B 318 14.37 16.55 -12.06
CA GLN B 318 15.24 16.19 -10.94
C GLN B 318 14.44 16.07 -9.64
N THR B 319 13.45 16.94 -9.45
CA THR B 319 12.65 16.90 -8.23
C THR B 319 11.88 15.59 -8.11
N VAL B 320 11.53 14.97 -9.24
CA VAL B 320 10.86 13.67 -9.20
C VAL B 320 11.85 12.60 -8.73
N LEU B 321 13.08 12.66 -9.22
CA LEU B 321 14.12 11.73 -8.76
C LEU B 321 14.58 12.02 -7.34
N ASP B 322 14.13 13.12 -6.74
CA ASP B 322 14.40 13.41 -5.34
C ASP B 322 13.36 12.81 -4.41
N GLU B 323 12.22 12.38 -4.92
CA GLU B 323 11.18 11.75 -4.13
C GLU B 323 11.32 10.23 -4.24
N ARG B 324 11.12 9.56 -3.10
CA ARG B 324 11.22 8.09 -3.03
C ARG B 324 12.56 7.59 -3.53
#